data_7BDB
#
_entry.id   7BDB
#
_cell.length_a   59.740
_cell.length_b   73.340
_cell.length_c   78.450
_cell.angle_alpha   90.000
_cell.angle_beta   90.000
_cell.angle_gamma   90.000
#
_symmetry.space_group_name_H-M   'P 21 21 21'
#
loop_
_entity.id
_entity.type
_entity.pdbx_description
1 polymer 'Palmitoleoyl-protein carboxylesterase NOTUM'
2 non-polymer 'SULFATE ION'
3 non-polymer 2-acetamido-2-deoxy-beta-D-glucopyranose
4 non-polymer 'DIMETHYL SULFOXIDE'
5 non-polymer 3-ethyl-5-methyl-N-(5-methyl-1,2-oxazol-3-yl)-1,2-oxazole-4-carboxamide
6 water water
#
_entity_poly.entity_id   1
_entity_poly.type   'polypeptide(L)'
_entity_poly.pdbx_seq_one_letter_code
;ETGSAQQLNEDLRLHLLLNTSVTCNDGSPAGYYLKESRGSRRWLLFLEGGWYCFNRENCDSRYDTMRRLMSSRDWPRTRT
GTGILSSQPEENPYWWNANMVFIPYCSSDVWSGASSKSEKNEYAFMGALIIQEVVRELLGRGLSGAKVLLLAGSSAGGTG
VLLNVDRVAEQLEKLGYPAIQVRGLADSGWFLDNKQYRHTDCVDTITCAPTEAIRRGIRYWNGVVPERCRRQFQEGEEWN
CFFGYKVYPTLRSPVFVVQWLFDEAQLTVDNVHLTGQPVQEGLRLYIQNLGRELRHTLKDVPASFAPACLSHEIIIRSHW
TDVQVKGTSLPRALHCWDRSLHDSHKASKTPLKGCPVHLVDSCPWPHCNPSCPTGTKHHHHHH
;
_entity_poly.pdbx_strand_id   A
#
loop_
_chem_comp.id
_chem_comp.type
_chem_comp.name
_chem_comp.formula
DMS non-polymer 'DIMETHYL SULFOXIDE' 'C2 H6 O S'
NAG D-saccharide, beta linking 2-acetamido-2-deoxy-beta-D-glucopyranose 'C8 H15 N O6'
NW7 non-polymer 3-ethyl-5-methyl-N-(5-methyl-1,2-oxazol-3-yl)-1,2-oxazole-4-carboxamide 'C11 H13 N3 O3'
SO4 non-polymer 'SULFATE ION' 'O4 S -2'
#
# COMPACT_ATOMS: atom_id res chain seq x y z
N ASP A 11 -6.03 12.78 16.95
CA ASP A 11 -7.15 12.40 16.11
C ASP A 11 -7.13 13.09 14.74
N LEU A 12 -7.44 12.31 13.72
CA LEU A 12 -7.62 12.79 12.35
C LEU A 12 -9.11 12.94 12.10
N ARG A 13 -9.52 14.04 11.49
CA ARG A 13 -10.94 14.31 11.28
C ARG A 13 -11.36 14.12 9.83
N LEU A 14 -12.58 13.60 9.67
CA LEU A 14 -13.10 13.20 8.36
C LEU A 14 -13.50 14.40 7.52
N HIS A 15 -13.13 14.35 6.24
CA HIS A 15 -13.63 15.27 5.21
C HIS A 15 -14.13 14.42 4.05
N LEU A 16 -15.43 14.50 3.75
CA LEU A 16 -15.96 13.89 2.53
C LEU A 16 -15.61 14.75 1.32
N LEU A 17 -15.33 14.09 0.20
CA LEU A 17 -14.86 14.80 -0.98
C LEU A 17 -15.91 15.80 -1.46
N LEU A 18 -15.42 17.00 -1.81
CA LEU A 18 -16.32 18.04 -2.32
C LEU A 18 -16.86 17.69 -3.70
N ASN A 19 -16.08 16.96 -4.49
CA ASN A 19 -16.56 16.44 -5.77
C ASN A 19 -17.31 15.14 -5.49
N THR A 20 -18.63 15.25 -5.32
CA THR A 20 -19.43 14.10 -4.91
C THR A 20 -19.62 13.06 -6.03
N SER A 21 -19.04 13.28 -7.21
CA SER A 21 -19.04 12.27 -8.27
CA SER A 21 -19.05 12.26 -8.26
C SER A 21 -17.89 11.28 -8.13
N VAL A 22 -16.99 11.47 -7.19
CA VAL A 22 -15.93 10.52 -6.89
C VAL A 22 -16.40 9.73 -5.68
N THR A 23 -16.78 8.47 -5.90
CA THR A 23 -17.57 7.74 -4.93
C THR A 23 -16.95 6.41 -4.53
N CYS A 24 -17.39 5.93 -3.37
CA CYS A 24 -17.22 4.55 -2.94
C CYS A 24 -18.07 3.63 -3.81
N ASN A 25 -17.99 2.31 -3.53
CA ASN A 25 -18.67 1.31 -4.36
C ASN A 25 -20.16 1.60 -4.56
N ASP A 26 -20.86 2.03 -3.50
CA ASP A 26 -22.31 2.19 -3.56
C ASP A 26 -22.77 3.59 -3.96
N GLY A 27 -21.87 4.46 -4.41
CA GLY A 27 -22.24 5.80 -4.81
C GLY A 27 -22.16 6.86 -3.73
N SER A 28 -21.94 6.48 -2.48
CA SER A 28 -21.73 7.46 -1.43
C SER A 28 -20.37 8.15 -1.63
N PRO A 29 -20.20 9.37 -1.12
CA PRO A 29 -18.95 10.10 -1.38
C PRO A 29 -17.76 9.42 -0.70
N ALA A 30 -16.63 9.40 -1.40
CA ALA A 30 -15.37 9.01 -0.77
C ALA A 30 -14.83 10.17 0.08
N GLY A 31 -13.67 9.97 0.71
CA GLY A 31 -13.17 11.00 1.61
C GLY A 31 -11.78 10.68 2.15
N TYR A 32 -11.38 11.46 3.16
CA TYR A 32 -10.08 11.32 3.82
C TYR A 32 -10.16 11.84 5.26
N TYR A 33 -9.28 11.33 6.12
CA TYR A 33 -9.13 11.84 7.49
C TYR A 33 -7.81 12.62 7.56
N LEU A 34 -7.84 13.80 8.19
CA LEU A 34 -6.70 14.74 8.15
C LEU A 34 -6.38 15.28 9.54
N LYS A 35 -5.09 15.30 9.88
CA LYS A 35 -4.59 16.08 11.01
C LYS A 35 -3.43 16.94 10.51
N GLU A 36 -3.59 18.25 10.57
CA GLU A 36 -2.59 19.16 10.06
C GLU A 36 -1.51 19.43 11.09
N SER A 37 -0.29 19.70 10.60
CA SER A 37 0.86 20.09 11.41
C SER A 37 1.47 21.30 10.70
N ARG A 38 1.05 22.49 11.11
CA ARG A 38 1.39 23.70 10.36
C ARG A 38 2.87 24.04 10.40
N GLY A 39 3.63 23.46 11.32
CA GLY A 39 5.07 23.66 11.31
C GLY A 39 5.86 22.62 10.54
N SER A 40 5.22 21.88 9.63
CA SER A 40 5.91 20.85 8.86
C SER A 40 5.55 20.95 7.38
N ARG A 41 6.54 20.71 6.52
CA ARG A 41 6.32 20.61 5.09
C ARG A 41 6.33 19.17 4.59
N ARG A 42 6.16 18.19 5.49
CA ARG A 42 6.06 16.79 5.12
C ARG A 42 4.61 16.32 5.20
N TRP A 43 4.17 15.57 4.19
CA TRP A 43 2.80 15.07 4.09
C TRP A 43 2.83 13.57 3.86
N LEU A 44 2.11 12.83 4.71
CA LEU A 44 1.99 11.38 4.63
C LEU A 44 0.54 11.04 4.28
N LEU A 45 0.34 10.39 3.12
CA LEU A 45 -0.99 9.97 2.67
C LEU A 45 -0.98 8.44 2.66
N PHE A 46 -1.79 7.83 3.53
CA PHE A 46 -1.78 6.38 3.77
C PHE A 46 -3.02 5.72 3.18
N LEU A 47 -2.81 4.68 2.37
CA LEU A 47 -3.89 3.92 1.73
C LEU A 47 -4.24 2.67 2.54
N GLU A 48 -5.46 2.61 3.06
CA GLU A 48 -5.94 1.42 3.76
C GLU A 48 -6.04 0.21 2.82
N GLY A 49 -5.91 -1.00 3.39
CA GLY A 49 -6.08 -2.24 2.66
C GLY A 49 -7.36 -2.98 3.01
N GLY A 50 -7.48 -4.22 2.50
CA GLY A 50 -8.62 -5.06 2.77
C GLY A 50 -9.11 -5.90 1.60
N TRP A 51 -8.21 -6.66 0.98
CA TRP A 51 -8.51 -7.52 -0.17
C TRP A 51 -9.22 -6.73 -1.28
N TYR A 52 -10.25 -7.33 -1.91
CA TYR A 52 -10.91 -6.77 -3.09
C TYR A 52 -12.11 -7.67 -3.42
N CYS A 53 -12.93 -7.23 -4.39
CA CYS A 53 -13.98 -8.11 -4.92
C CYS A 53 -14.00 -8.03 -6.45
N PHE A 54 -14.38 -9.13 -7.11
CA PHE A 54 -14.11 -9.23 -8.54
C PHE A 54 -15.30 -9.58 -9.44
N ASN A 55 -16.50 -9.75 -8.90
CA ASN A 55 -17.70 -9.96 -9.70
C ASN A 55 -18.92 -9.54 -8.89
N ARG A 56 -20.10 -9.58 -9.52
CA ARG A 56 -21.31 -9.09 -8.86
C ARG A 56 -21.61 -9.89 -7.59
N GLU A 57 -21.55 -11.20 -7.67
CA GLU A 57 -21.93 -12.05 -6.53
C GLU A 57 -20.92 -11.90 -5.40
N ASN A 58 -19.64 -11.83 -5.74
CA ASN A 58 -18.60 -11.66 -4.74
C ASN A 58 -18.71 -10.28 -4.07
N CYS A 59 -19.00 -9.24 -4.85
CA CYS A 59 -19.15 -7.91 -4.27
C CYS A 59 -20.41 -7.78 -3.43
N ASP A 60 -21.50 -8.45 -3.83
CA ASP A 60 -22.73 -8.44 -3.03
C ASP A 60 -22.49 -9.01 -1.63
N SER A 61 -21.70 -10.08 -1.55
N SER A 61 -21.71 -10.09 -1.54
CA SER A 61 -21.37 -10.69 -0.26
CA SER A 61 -21.40 -10.67 -0.23
C SER A 61 -20.57 -9.73 0.61
C SER A 61 -20.57 -9.70 0.62
N ARG A 62 -19.56 -9.07 0.01
CA ARG A 62 -18.77 -8.07 0.73
C ARG A 62 -19.64 -6.91 1.21
N TYR A 63 -20.67 -6.55 0.44
CA TYR A 63 -21.53 -5.43 0.85
C TYR A 63 -22.36 -5.78 2.09
N ASP A 64 -22.61 -7.06 2.34
CA ASP A 64 -23.42 -7.47 3.48
C ASP A 64 -22.62 -7.46 4.79
N THR A 65 -21.34 -7.83 4.74
CA THR A 65 -20.59 -8.06 5.97
C THR A 65 -19.27 -7.30 6.04
N MET A 66 -18.95 -6.47 5.03
CA MET A 66 -17.77 -5.61 5.03
C MET A 66 -18.12 -4.25 4.42
N ARG A 67 -19.26 -3.69 4.85
CA ARG A 67 -19.84 -2.53 4.16
C ARG A 67 -19.02 -1.25 4.33
N ARG A 68 -18.28 -1.10 5.43
CA ARG A 68 -17.42 0.07 5.56
C ARG A 68 -16.35 0.13 4.48
N LEU A 69 -16.00 -1.01 3.88
CA LEU A 69 -15.05 -1.09 2.77
C LEU A 69 -15.75 -0.89 1.42
N MET A 70 -17.02 -0.50 1.43
CA MET A 70 -17.79 -0.28 0.22
C MET A 70 -18.64 0.98 0.24
N SER A 71 -18.59 1.77 1.31
CA SER A 71 -19.56 2.83 1.55
C SER A 71 -19.06 3.73 2.67
N SER A 72 -19.37 5.03 2.56
CA SER A 72 -19.04 6.00 3.63
C SER A 72 -20.20 6.29 4.56
N ARG A 73 -21.35 5.66 4.37
CA ARG A 73 -22.55 6.05 5.10
C ARG A 73 -22.41 5.87 6.61
N ASP A 74 -21.55 4.97 7.08
CA ASP A 74 -21.39 4.68 8.50
C ASP A 74 -20.02 5.08 9.05
N TRP A 75 -19.23 5.86 8.31
CA TRP A 75 -17.89 6.20 8.79
C TRP A 75 -17.98 7.10 10.02
N PRO A 76 -17.05 6.95 10.96
CA PRO A 76 -17.01 7.85 12.13
C PRO A 76 -16.38 9.20 11.75
N ARG A 77 -16.71 10.22 12.53
CA ARG A 77 -16.20 11.55 12.19
C ARG A 77 -14.71 11.71 12.50
N THR A 78 -14.13 10.85 13.33
CA THR A 78 -12.70 10.92 13.65
C THR A 78 -12.10 9.52 13.66
N ARG A 79 -10.76 9.48 13.65
CA ARG A 79 -9.97 8.27 13.80
C ARG A 79 -8.68 8.62 14.53
N THR A 80 -8.10 7.62 15.19
CA THR A 80 -6.85 7.81 15.93
C THR A 80 -5.68 7.39 15.06
N GLY A 81 -4.67 8.25 14.95
CA GLY A 81 -3.48 7.89 14.20
C GLY A 81 -2.57 7.00 15.03
N THR A 82 -2.15 5.87 14.45
CA THR A 82 -1.31 4.90 15.15
C THR A 82 -0.14 4.50 14.26
N GLY A 83 0.93 4.03 14.90
CA GLY A 83 2.12 3.62 14.16
C GLY A 83 2.75 4.81 13.45
N ILE A 84 3.02 4.62 12.15
CA ILE A 84 3.56 5.70 11.31
C ILE A 84 2.61 6.90 11.20
N LEU A 85 1.32 6.73 11.54
CA LEU A 85 0.37 7.83 11.58
C LEU A 85 0.23 8.49 12.95
N SER A 86 1.03 8.06 13.94
CA SER A 86 0.97 8.67 15.26
C SER A 86 1.76 9.97 15.29
N SER A 87 1.25 10.94 16.05
CA SER A 87 1.93 12.23 16.25
C SER A 87 2.79 12.28 17.50
N GLN A 88 2.97 11.14 18.19
CA GLN A 88 3.79 11.08 19.40
C GLN A 88 5.17 10.54 19.06
N PRO A 89 6.24 11.24 19.46
CA PRO A 89 7.60 10.77 19.10
C PRO A 89 7.93 9.38 19.61
N GLU A 90 7.43 9.01 20.78
CA GLU A 90 7.73 7.71 21.35
C GLU A 90 7.13 6.58 20.52
N GLU A 91 5.99 6.82 19.87
CA GLU A 91 5.34 5.82 19.03
C GLU A 91 5.81 5.88 17.57
N ASN A 92 6.23 7.06 17.10
CA ASN A 92 6.61 7.28 15.70
C ASN A 92 7.91 8.07 15.66
N PRO A 93 9.05 7.40 15.81
CA PRO A 93 10.35 8.11 15.74
C PRO A 93 10.64 8.71 14.37
N TYR A 94 9.97 8.23 13.33
CA TYR A 94 10.27 8.63 11.95
C TYR A 94 9.67 10.00 11.59
N TRP A 95 8.35 10.12 11.58
CA TRP A 95 7.66 11.28 11.01
C TRP A 95 6.57 11.81 11.94
N TRP A 96 6.81 11.84 13.26
CA TRP A 96 5.78 12.23 14.21
C TRP A 96 5.24 13.65 14.00
N ASN A 97 6.01 14.55 13.40
CA ASN A 97 5.58 15.92 13.23
C ASN A 97 4.95 16.21 11.85
N ALA A 98 4.71 15.18 11.04
CA ALA A 98 4.19 15.38 9.69
C ALA A 98 2.69 15.69 9.68
N ASN A 99 2.24 16.25 8.56
CA ASN A 99 0.81 16.29 8.27
C ASN A 99 0.33 14.89 7.91
N MET A 100 -0.73 14.42 8.57
CA MET A 100 -1.17 13.02 8.51
C MET A 100 -2.49 12.90 7.77
N VAL A 101 -2.57 11.97 6.81
CA VAL A 101 -3.78 11.71 6.03
C VAL A 101 -4.02 10.20 5.95
N PHE A 102 -5.23 9.77 6.30
CA PHE A 102 -5.67 8.38 6.17
C PHE A 102 -6.80 8.35 5.15
N ILE A 103 -6.60 7.62 4.05
CA ILE A 103 -7.59 7.53 2.99
C ILE A 103 -8.27 6.18 3.10
N PRO A 104 -9.54 6.11 3.51
CA PRO A 104 -10.22 4.82 3.63
C PRO A 104 -10.37 4.13 2.28
N TYR A 105 -10.31 2.81 2.30
CA TYR A 105 -10.43 1.96 1.11
C TYR A 105 -11.90 1.58 1.00
N CYS A 106 -12.61 2.19 0.04
CA CYS A 106 -14.03 1.89 -0.16
C CYS A 106 -14.35 1.56 -1.62
N SER A 107 -13.33 1.14 -2.39
CA SER A 107 -13.50 0.87 -3.82
C SER A 107 -13.25 -0.59 -4.22
N SER A 108 -12.67 -1.42 -3.33
CA SER A 108 -12.62 -2.87 -3.52
C SER A 108 -11.90 -3.29 -4.81
N ASP A 109 -10.96 -2.46 -5.27
CA ASP A 109 -10.32 -2.60 -6.58
C ASP A 109 -8.80 -2.47 -6.53
N VAL A 110 -8.18 -2.69 -5.35
CA VAL A 110 -6.74 -2.54 -5.17
C VAL A 110 -6.29 -1.13 -5.59
N TRP A 111 -7.17 -0.14 -5.45
CA TRP A 111 -6.86 1.25 -5.78
C TRP A 111 -6.60 1.47 -7.28
N SER A 112 -7.16 0.60 -8.16
CA SER A 112 -6.88 0.65 -9.58
C SER A 112 -8.01 1.18 -10.45
N GLY A 113 -9.23 1.30 -9.91
CA GLY A 113 -10.40 1.49 -10.76
C GLY A 113 -10.63 2.91 -11.22
N ALA A 114 -11.31 3.04 -12.36
CA ALA A 114 -11.79 4.31 -12.87
C ALA A 114 -13.11 4.11 -13.63
N SER A 115 -14.12 3.63 -12.91
N SER A 115 -14.12 3.60 -12.92
CA SER A 115 -15.43 3.32 -13.49
CA SER A 115 -15.43 3.34 -13.50
C SER A 115 -16.52 3.77 -12.53
C SER A 115 -16.51 3.79 -12.53
N SER A 116 -17.49 4.54 -13.03
CA SER A 116 -18.57 5.06 -12.22
C SER A 116 -19.77 4.10 -12.23
N LYS A 117 -20.62 4.22 -11.22
CA LYS A 117 -21.90 3.54 -11.22
C LYS A 117 -22.77 4.12 -12.33
N SER A 118 -23.55 3.26 -12.99
CA SER A 118 -24.36 3.67 -14.14
C SER A 118 -25.50 2.66 -14.31
N GLU A 119 -26.24 2.80 -15.42
CA GLU A 119 -27.30 1.83 -15.69
C GLU A 119 -26.76 0.44 -15.98
N LYS A 120 -25.48 0.32 -16.37
CA LYS A 120 -24.87 -0.96 -16.64
C LYS A 120 -23.92 -1.44 -15.55
N ASN A 121 -23.69 -0.66 -14.50
CA ASN A 121 -22.75 -1.02 -13.44
C ASN A 121 -23.43 -0.85 -12.08
N GLU A 122 -23.63 -1.98 -11.38
CA GLU A 122 -24.21 -1.91 -10.04
C GLU A 122 -23.33 -1.14 -9.07
N TYR A 123 -22.01 -1.25 -9.22
CA TYR A 123 -21.05 -0.63 -8.31
C TYR A 123 -20.09 0.28 -9.07
N ALA A 124 -19.60 1.30 -8.36
CA ALA A 124 -18.53 2.16 -8.86
C ALA A 124 -17.19 1.66 -8.35
N PHE A 125 -16.18 1.62 -9.23
CA PHE A 125 -14.82 1.23 -8.83
C PHE A 125 -13.89 2.39 -9.20
N MET A 126 -13.60 3.25 -8.23
CA MET A 126 -12.95 4.54 -8.54
C MET A 126 -11.66 4.76 -7.76
N GLY A 127 -10.99 3.70 -7.33
CA GLY A 127 -9.82 3.86 -6.47
C GLY A 127 -8.75 4.80 -7.00
N ALA A 128 -8.41 4.69 -8.29
CA ALA A 128 -7.36 5.55 -8.84
C ALA A 128 -7.78 7.02 -8.87
N LEU A 129 -9.09 7.27 -9.07
CA LEU A 129 -9.62 8.63 -9.09
C LEU A 129 -9.80 9.20 -7.69
N ILE A 130 -10.07 8.35 -6.69
CA ILE A 130 -10.14 8.81 -5.31
C ILE A 130 -8.80 9.42 -4.87
N ILE A 131 -7.69 8.73 -5.19
CA ILE A 131 -6.38 9.26 -4.82
C ILE A 131 -6.14 10.61 -5.49
N GLN A 132 -6.46 10.71 -6.78
CA GLN A 132 -6.24 11.95 -7.51
C GLN A 132 -7.06 13.10 -6.93
N GLU A 133 -8.31 12.83 -6.54
CA GLU A 133 -9.16 13.91 -6.02
C GLU A 133 -8.75 14.30 -4.60
N VAL A 134 -8.32 13.34 -3.78
CA VAL A 134 -7.81 13.68 -2.46
C VAL A 134 -6.62 14.62 -2.58
N VAL A 135 -5.67 14.30 -3.47
CA VAL A 135 -4.50 15.14 -3.69
C VAL A 135 -4.92 16.55 -4.11
N ARG A 136 -5.87 16.64 -5.06
CA ARG A 136 -6.30 17.94 -5.56
C ARG A 136 -6.93 18.80 -4.46
N GLU A 137 -7.78 18.19 -3.62
CA GLU A 137 -8.44 18.96 -2.57
C GLU A 137 -7.47 19.32 -1.43
N LEU A 138 -6.43 18.51 -1.20
CA LEU A 138 -5.45 18.84 -0.16
C LEU A 138 -4.57 20.03 -0.55
N LEU A 139 -4.35 20.25 -1.85
CA LEU A 139 -3.49 21.36 -2.26
C LEU A 139 -3.99 22.70 -1.72
N GLY A 140 -5.31 22.87 -1.60
CA GLY A 140 -5.86 24.08 -1.00
C GLY A 140 -5.88 24.11 0.51
N ARG A 141 -5.50 23.01 1.16
CA ARG A 141 -5.41 22.93 2.61
C ARG A 141 -3.98 22.85 3.12
N GLY A 142 -3.01 23.20 2.28
CA GLY A 142 -1.62 23.29 2.70
C GLY A 142 -0.65 22.41 1.93
N LEU A 143 -1.14 21.42 1.18
CA LEU A 143 -0.23 20.56 0.45
C LEU A 143 0.57 21.32 -0.60
N SER A 144 0.06 22.46 -1.06
CA SER A 144 0.77 23.27 -2.05
C SER A 144 2.15 23.71 -1.56
N GLY A 145 2.38 23.75 -0.25
CA GLY A 145 3.65 24.14 0.32
C GLY A 145 4.55 23.00 0.71
N ALA A 146 4.21 21.76 0.37
CA ALA A 146 4.96 20.60 0.81
C ALA A 146 6.33 20.53 0.14
N LYS A 147 7.27 19.92 0.84
CA LYS A 147 8.54 19.53 0.23
C LYS A 147 8.59 18.04 -0.11
N VAL A 148 7.91 17.19 0.65
CA VAL A 148 7.85 15.74 0.37
C VAL A 148 6.41 15.26 0.56
N LEU A 149 5.90 14.49 -0.39
CA LEU A 149 4.63 13.78 -0.26
C LEU A 149 4.97 12.29 -0.29
N LEU A 150 4.78 11.61 0.84
CA LEU A 150 5.02 10.18 0.93
C LEU A 150 3.67 9.46 0.82
N LEU A 151 3.49 8.71 -0.26
CA LEU A 151 2.28 7.90 -0.46
C LEU A 151 2.59 6.51 0.09
N ALA A 152 1.95 6.14 1.19
CA ALA A 152 2.19 4.90 1.90
C ALA A 152 0.91 4.07 1.89
N GLY A 153 1.03 2.79 2.25
CA GLY A 153 -0.15 1.91 2.34
C GLY A 153 0.22 0.50 2.73
N SER A 154 -0.79 -0.23 3.24
CA SER A 154 -0.61 -1.60 3.73
C SER A 154 -1.52 -2.59 2.99
N SER A 155 -0.96 -3.74 2.62
CA SER A 155 -1.68 -4.86 2.00
C SER A 155 -2.22 -4.42 0.65
N ALA A 156 -3.55 -4.47 0.40
CA ALA A 156 -4.06 -3.94 -0.86
C ALA A 156 -3.66 -2.47 -1.06
N GLY A 157 -3.50 -1.72 0.03
CA GLY A 157 -3.00 -0.36 -0.07
C GLY A 157 -1.52 -0.30 -0.44
N GLY A 158 -0.74 -1.31 -0.03
CA GLY A 158 0.66 -1.36 -0.47
C GLY A 158 0.79 -1.61 -1.95
N THR A 159 0.00 -2.54 -2.49
CA THR A 159 -0.04 -2.71 -3.95
C THR A 159 -0.55 -1.43 -4.61
N GLY A 160 -1.53 -0.77 -3.97
CA GLY A 160 -2.01 0.51 -4.46
C GLY A 160 -0.93 1.57 -4.59
N VAL A 161 0.04 1.58 -3.65
CA VAL A 161 1.15 2.52 -3.77
C VAL A 161 1.90 2.29 -5.07
N LEU A 162 2.23 1.02 -5.35
CA LEU A 162 2.98 0.69 -6.56
C LEU A 162 2.20 1.09 -7.82
N LEU A 163 0.87 0.96 -7.79
CA LEU A 163 0.06 1.28 -8.95
C LEU A 163 -0.15 2.78 -9.16
N ASN A 164 0.02 3.59 -8.12
CA ASN A 164 -0.39 5.00 -8.17
C ASN A 164 0.70 6.04 -7.92
N VAL A 165 1.88 5.68 -7.40
CA VAL A 165 2.86 6.70 -7.00
C VAL A 165 3.31 7.57 -8.20
N ASP A 166 3.55 6.96 -9.37
CA ASP A 166 4.00 7.76 -10.52
C ASP A 166 2.87 8.61 -11.10
N ARG A 167 1.61 8.18 -10.95
CA ARG A 167 0.52 9.01 -11.42
C ARG A 167 0.36 10.25 -10.54
N VAL A 168 0.58 10.12 -9.23
CA VAL A 168 0.54 11.29 -8.35
C VAL A 168 1.64 12.28 -8.72
N ALA A 169 2.83 11.77 -8.97
CA ALA A 169 3.95 12.64 -9.37
C ALA A 169 3.63 13.38 -10.67
N GLU A 170 3.05 12.67 -11.64
CA GLU A 170 2.68 13.28 -12.91
C GLU A 170 1.57 14.32 -12.73
N GLN A 171 0.56 14.00 -11.91
CA GLN A 171 -0.53 14.94 -11.64
C GLN A 171 0.00 16.25 -11.07
N LEU A 172 0.91 16.16 -10.09
CA LEU A 172 1.42 17.38 -9.47
C LEU A 172 2.27 18.19 -10.44
N GLU A 173 3.03 17.52 -11.32
CA GLU A 173 3.81 18.25 -12.33
C GLU A 173 2.89 18.99 -13.30
N LYS A 174 1.81 18.34 -13.74
CA LYS A 174 0.92 18.96 -14.71
C LYS A 174 0.11 20.09 -14.08
N LEU A 175 -0.15 20.01 -12.77
CA LEU A 175 -0.87 21.07 -12.08
C LEU A 175 0.00 22.26 -11.73
N GLY A 176 1.31 22.15 -11.87
CA GLY A 176 2.20 23.26 -11.64
C GLY A 176 2.94 23.26 -10.31
N TYR A 177 3.18 22.10 -9.71
CA TYR A 177 3.89 21.99 -8.44
C TYR A 177 5.12 21.10 -8.63
N PRO A 178 6.14 21.60 -9.34
CA PRO A 178 7.30 20.74 -9.64
C PRO A 178 8.19 20.49 -8.44
N ALA A 179 8.07 21.28 -7.37
CA ALA A 179 8.99 21.20 -6.24
C ALA A 179 8.60 20.15 -5.20
N ILE A 180 7.40 19.59 -5.28
CA ILE A 180 6.98 18.57 -4.32
C ILE A 180 7.60 17.24 -4.73
N GLN A 181 8.42 16.66 -3.86
CA GLN A 181 9.03 15.36 -4.13
C GLN A 181 8.08 14.23 -3.72
N VAL A 182 7.62 13.46 -4.70
CA VAL A 182 6.70 12.33 -4.45
C VAL A 182 7.49 11.03 -4.31
N ARG A 183 7.22 10.29 -3.24
CA ARG A 183 7.87 9.02 -2.93
C ARG A 183 6.80 8.03 -2.46
N GLY A 184 7.14 6.74 -2.44
CA GLY A 184 6.19 5.73 -2.02
C GLY A 184 6.74 4.78 -0.97
N LEU A 185 5.84 4.28 -0.12
CA LEU A 185 6.17 3.30 0.92
C LEU A 185 5.14 2.16 0.83
N ALA A 186 5.56 1.01 0.29
CA ALA A 186 4.64 -0.12 0.04
C ALA A 186 4.88 -1.20 1.10
N ASP A 187 3.90 -1.36 2.01
CA ASP A 187 3.96 -2.32 3.12
C ASP A 187 3.06 -3.51 2.83
N SER A 188 3.64 -4.71 2.81
CA SER A 188 2.84 -5.95 2.73
C SER A 188 2.03 -6.06 1.44
N GLY A 189 2.53 -5.48 0.36
CA GLY A 189 1.85 -5.51 -0.93
C GLY A 189 2.68 -6.08 -2.07
N TRP A 190 3.74 -6.83 -1.73
CA TRP A 190 4.72 -7.39 -2.68
C TRP A 190 4.53 -8.91 -2.73
N PHE A 191 3.75 -9.39 -3.70
CA PHE A 191 3.32 -10.79 -3.77
C PHE A 191 4.00 -11.52 -4.92
N LEU A 192 4.00 -12.86 -4.82
CA LEU A 192 4.57 -13.72 -5.85
C LEU A 192 3.45 -14.52 -6.50
N ASP A 193 3.45 -14.57 -7.84
CA ASP A 193 2.53 -15.43 -8.59
C ASP A 193 3.14 -16.82 -8.74
N ASN A 194 3.26 -17.51 -7.60
CA ASN A 194 3.94 -18.80 -7.50
C ASN A 194 2.94 -19.95 -7.60
N LYS A 195 3.46 -21.18 -7.59
CA LYS A 195 2.61 -22.36 -7.52
C LYS A 195 2.14 -22.57 -6.08
N GLN A 196 0.87 -22.93 -5.93
CA GLN A 196 0.31 -23.21 -4.62
C GLN A 196 0.86 -24.51 -4.05
N TYR A 197 0.82 -24.62 -2.71
CA TYR A 197 1.21 -25.86 -2.05
C TYR A 197 0.21 -26.97 -2.33
N ARG A 198 -1.09 -26.65 -2.29
CA ARG A 198 -2.15 -27.55 -2.73
C ARG A 198 -3.09 -26.80 -3.66
N PRO A 210 -5.57 -17.17 -7.89
CA PRO A 210 -5.32 -15.77 -7.54
C PRO A 210 -5.09 -14.87 -8.76
N THR A 211 -4.16 -15.24 -9.65
CA THR A 211 -3.92 -14.41 -10.82
C THR A 211 -5.17 -14.29 -11.69
N GLU A 212 -6.01 -15.33 -11.72
CA GLU A 212 -7.23 -15.24 -12.49
C GLU A 212 -8.21 -14.25 -11.89
N ALA A 213 -8.27 -14.18 -10.55
CA ALA A 213 -9.16 -13.22 -9.91
C ALA A 213 -8.77 -11.79 -10.23
N ILE A 214 -7.45 -11.51 -10.26
CA ILE A 214 -6.98 -10.18 -10.62
C ILE A 214 -7.29 -9.87 -12.08
N ARG A 215 -7.07 -10.85 -12.97
CA ARG A 215 -7.38 -10.65 -14.39
C ARG A 215 -8.86 -10.34 -14.59
N ARG A 216 -9.73 -11.11 -13.95
CA ARG A 216 -11.17 -10.82 -14.04
C ARG A 216 -11.49 -9.49 -13.38
N GLY A 217 -10.87 -9.21 -12.23
CA GLY A 217 -11.12 -7.95 -11.54
C GLY A 217 -10.85 -6.74 -12.41
N ILE A 218 -9.70 -6.72 -13.09
CA ILE A 218 -9.32 -5.56 -13.91
C ILE A 218 -10.41 -5.25 -14.94
N ARG A 219 -10.98 -6.29 -15.56
CA ARG A 219 -12.03 -6.03 -16.53
C ARG A 219 -13.29 -5.50 -15.85
N TYR A 220 -13.62 -6.03 -14.67
CA TYR A 220 -14.83 -5.63 -13.95
C TYR A 220 -14.72 -4.19 -13.43
N TRP A 221 -13.52 -3.74 -13.08
CA TRP A 221 -13.30 -2.44 -12.48
C TRP A 221 -12.96 -1.36 -13.49
N ASN A 222 -12.67 -1.73 -14.73
CA ASN A 222 -11.93 -0.86 -15.65
C ASN A 222 -10.63 -0.37 -15.01
N GLY A 223 -9.85 -1.33 -14.50
CA GLY A 223 -8.66 -0.97 -13.76
C GLY A 223 -7.55 -0.44 -14.66
N VAL A 224 -6.72 0.41 -14.09
CA VAL A 224 -5.61 1.03 -14.80
C VAL A 224 -4.30 0.73 -14.08
N VAL A 225 -3.24 0.58 -14.87
CA VAL A 225 -1.91 0.27 -14.35
C VAL A 225 -0.91 1.33 -14.81
N PRO A 226 0.29 1.41 -14.22
CA PRO A 226 1.25 2.44 -14.66
C PRO A 226 1.66 2.25 -16.11
N GLU A 227 1.90 3.38 -16.80
CA GLU A 227 1.96 3.36 -18.26
C GLU A 227 3.16 2.58 -18.80
N ARG A 228 4.34 2.72 -18.19
CA ARG A 228 5.49 1.98 -18.71
C ARG A 228 5.30 0.47 -18.54
N CYS A 229 4.72 0.05 -17.41
CA CYS A 229 4.45 -1.36 -17.22
C CYS A 229 3.40 -1.87 -18.21
N ARG A 230 2.35 -1.06 -18.45
CA ARG A 230 1.34 -1.42 -19.43
C ARG A 230 1.95 -1.62 -20.82
N ARG A 231 2.91 -0.76 -21.20
CA ARG A 231 3.51 -0.86 -22.52
C ARG A 231 4.42 -2.08 -22.66
N GLN A 232 4.99 -2.56 -21.56
CA GLN A 232 5.78 -3.79 -21.57
C GLN A 232 4.89 -5.03 -21.78
N PHE A 233 3.81 -5.14 -21.02
CA PHE A 233 3.04 -6.37 -20.99
C PHE A 233 1.91 -6.39 -22.02
N GLN A 234 1.40 -5.21 -22.41
CA GLN A 234 0.46 -5.02 -23.51
C GLN A 234 -0.96 -5.53 -23.22
N GLU A 235 -1.83 -5.41 -24.23
CA GLU A 235 -3.26 -5.65 -24.03
C GLU A 235 -3.53 -7.05 -23.50
N GLY A 236 -4.41 -7.13 -22.50
CA GLY A 236 -4.80 -8.39 -21.92
C GLY A 236 -3.87 -8.92 -20.83
N GLU A 237 -2.68 -8.34 -20.67
CA GLU A 237 -1.70 -8.86 -19.71
C GLU A 237 -1.41 -7.87 -18.58
N GLU A 238 -2.29 -6.90 -18.36
CA GLU A 238 -2.04 -5.87 -17.35
C GLU A 238 -2.00 -6.41 -15.93
N TRP A 239 -2.58 -7.60 -15.69
CA TRP A 239 -2.53 -8.22 -14.36
C TRP A 239 -1.10 -8.37 -13.86
N ASN A 240 -0.13 -8.49 -14.78
CA ASN A 240 1.28 -8.62 -14.40
C ASN A 240 1.73 -7.44 -13.55
N CYS A 241 1.18 -6.25 -13.80
CA CYS A 241 1.59 -5.03 -13.11
C CYS A 241 1.09 -4.95 -11.66
N PHE A 242 0.26 -5.90 -11.21
CA PHE A 242 -0.15 -6.00 -9.81
C PHE A 242 0.90 -6.74 -8.97
N PHE A 243 1.96 -7.25 -9.57
CA PHE A 243 2.98 -8.01 -8.85
C PHE A 243 4.24 -7.16 -8.73
N GLY A 244 4.60 -6.83 -7.49
CA GLY A 244 5.70 -5.93 -7.19
C GLY A 244 6.97 -6.11 -8.00
N TYR A 245 7.47 -7.35 -8.08
CA TYR A 245 8.74 -7.60 -8.77
C TYR A 245 8.67 -7.29 -10.26
N LYS A 246 7.48 -7.22 -10.86
CA LYS A 246 7.33 -6.87 -12.26
C LYS A 246 7.06 -5.38 -12.49
N VAL A 247 6.31 -4.74 -11.60
CA VAL A 247 5.97 -3.31 -11.76
C VAL A 247 7.08 -2.41 -11.21
N TYR A 248 7.72 -2.78 -10.09
CA TYR A 248 8.75 -1.95 -9.47
C TYR A 248 9.83 -1.45 -10.42
N PRO A 249 10.43 -2.28 -11.29
CA PRO A 249 11.51 -1.76 -12.17
C PRO A 249 11.07 -0.69 -13.15
N THR A 250 9.77 -0.55 -13.41
CA THR A 250 9.27 0.44 -14.36
C THR A 250 9.01 1.80 -13.72
N LEU A 251 9.07 1.91 -12.39
CA LEU A 251 8.70 3.14 -11.69
C LEU A 251 9.86 4.14 -11.61
N ARG A 252 9.51 5.42 -11.74
CA ARG A 252 10.48 6.51 -11.62
C ARG A 252 10.58 7.09 -10.21
N SER A 253 9.49 7.11 -9.45
CA SER A 253 9.55 7.69 -8.10
C SER A 253 10.29 6.75 -7.15
N PRO A 254 11.01 7.30 -6.16
CA PRO A 254 11.64 6.45 -5.14
C PRO A 254 10.59 5.69 -4.32
N VAL A 255 10.79 4.37 -4.16
CA VAL A 255 9.84 3.50 -3.42
C VAL A 255 10.61 2.62 -2.44
N PHE A 256 10.20 2.66 -1.17
CA PHE A 256 10.72 1.77 -0.12
C PHE A 256 9.74 0.62 0.06
N VAL A 257 10.24 -0.62 0.06
CA VAL A 257 9.39 -1.82 0.11
C VAL A 257 9.57 -2.52 1.47
N VAL A 258 8.46 -2.71 2.18
CA VAL A 258 8.42 -3.49 3.42
C VAL A 258 7.65 -4.78 3.13
N GLN A 259 8.25 -5.94 3.42
CA GLN A 259 7.55 -7.21 3.17
C GLN A 259 8.08 -8.31 4.08
N TRP A 260 7.21 -8.97 4.85
CA TRP A 260 7.62 -10.18 5.57
C TRP A 260 8.00 -11.26 4.55
N LEU A 261 9.08 -12.00 4.85
CA LEU A 261 9.48 -13.07 3.94
C LEU A 261 8.42 -14.18 3.86
N PHE A 262 7.66 -14.39 4.94
CA PHE A 262 6.63 -15.43 5.01
C PHE A 262 5.28 -14.77 5.33
N ASP A 263 4.82 -13.95 4.39
CA ASP A 263 3.62 -13.15 4.61
C ASP A 263 2.39 -14.06 4.71
N GLU A 264 1.52 -13.79 5.69
CA GLU A 264 0.38 -14.68 5.93
C GLU A 264 -0.65 -14.63 4.80
N ALA A 265 -0.81 -13.48 4.14
CA ALA A 265 -1.74 -13.42 3.02
C ALA A 265 -1.22 -14.23 1.83
N GLN A 266 0.08 -14.13 1.55
CA GLN A 266 0.71 -14.98 0.54
C GLN A 266 0.50 -16.45 0.87
N LEU A 267 0.72 -16.84 2.11
CA LEU A 267 0.55 -18.24 2.48
C LEU A 267 -0.90 -18.69 2.41
N THR A 268 -1.86 -17.80 2.72
CA THR A 268 -3.27 -18.16 2.59
C THR A 268 -3.64 -18.48 1.15
N VAL A 269 -3.24 -17.61 0.21
CA VAL A 269 -3.54 -17.88 -1.20
C VAL A 269 -2.78 -19.11 -1.70
N ASP A 270 -1.64 -19.45 -1.10
CA ASP A 270 -0.89 -20.65 -1.45
C ASP A 270 -1.44 -21.91 -0.79
N ASN A 271 -2.48 -21.78 0.04
CA ASN A 271 -3.14 -22.92 0.71
C ASN A 271 -2.22 -23.60 1.73
N VAL A 272 -1.51 -22.78 2.50
CA VAL A 272 -0.62 -23.24 3.58
C VAL A 272 -1.18 -22.76 4.91
N HIS A 273 -1.33 -23.69 5.85
CA HIS A 273 -1.83 -23.35 7.18
C HIS A 273 -0.99 -23.99 8.28
N PRO A 278 3.67 -29.61 13.27
CA PRO A 278 4.56 -30.69 12.85
C PRO A 278 4.70 -30.78 11.32
N VAL A 279 5.76 -30.17 10.79
CA VAL A 279 5.90 -29.90 9.37
C VAL A 279 6.77 -30.98 8.73
N GLN A 280 6.24 -31.64 7.70
CA GLN A 280 7.00 -32.67 7.03
C GLN A 280 7.79 -32.11 5.83
N GLU A 281 8.55 -32.99 5.17
CA GLU A 281 9.59 -32.54 4.25
C GLU A 281 9.04 -31.68 3.11
N GLY A 282 7.94 -32.12 2.50
CA GLY A 282 7.41 -31.37 1.36
C GLY A 282 7.05 -29.94 1.72
N LEU A 283 6.38 -29.75 2.86
CA LEU A 283 6.01 -28.40 3.29
C LEU A 283 7.22 -27.61 3.75
N ARG A 284 8.18 -28.26 4.43
CA ARG A 284 9.42 -27.56 4.80
C ARG A 284 10.11 -26.99 3.58
N LEU A 285 10.28 -27.81 2.53
CA LEU A 285 10.93 -27.32 1.31
C LEU A 285 10.12 -26.22 0.64
N TYR A 286 8.78 -26.34 0.65
CA TYR A 286 7.94 -25.29 0.07
C TYR A 286 8.16 -23.94 0.77
N ILE A 287 8.13 -23.92 2.10
CA ILE A 287 8.27 -22.68 2.84
C ILE A 287 9.67 -22.09 2.67
N GLN A 288 10.71 -22.95 2.70
CA GLN A 288 12.07 -22.45 2.50
C GLN A 288 12.25 -21.85 1.11
N ASN A 289 11.67 -22.50 0.09
CA ASN A 289 11.75 -21.95 -1.27
C ASN A 289 11.02 -20.63 -1.40
N LEU A 290 9.88 -20.46 -0.72
CA LEU A 290 9.16 -19.19 -0.79
C LEU A 290 10.01 -18.05 -0.24
N GLY A 291 10.64 -18.25 0.92
CA GLY A 291 11.52 -17.23 1.47
C GLY A 291 12.70 -16.90 0.58
N ARG A 292 13.28 -17.92 -0.05
CA ARG A 292 14.40 -17.68 -0.97
C ARG A 292 13.96 -16.91 -2.19
N GLU A 293 12.77 -17.22 -2.74
CA GLU A 293 12.28 -16.50 -3.91
C GLU A 293 11.99 -15.05 -3.56
N LEU A 294 11.36 -14.80 -2.41
N LEU A 294 11.35 -14.79 -2.41
CA LEU A 294 11.06 -13.43 -2.02
CA LEU A 294 11.07 -13.42 -2.02
C LEU A 294 12.35 -12.63 -1.84
C LEU A 294 12.36 -12.64 -1.86
N ARG A 295 13.34 -13.22 -1.15
CA ARG A 295 14.64 -12.57 -1.00
C ARG A 295 15.29 -12.25 -2.35
N HIS A 296 15.20 -13.19 -3.31
CA HIS A 296 15.76 -12.95 -4.63
C HIS A 296 15.10 -11.75 -5.31
N THR A 297 13.77 -11.62 -5.20
CA THR A 297 13.12 -10.49 -5.86
C THR A 297 13.50 -9.14 -5.25
N LEU A 298 14.05 -9.12 -4.03
CA LEU A 298 14.44 -7.86 -3.39
C LEU A 298 15.92 -7.53 -3.55
N LYS A 299 16.70 -8.37 -4.24
CA LYS A 299 18.15 -8.16 -4.29
C LYS A 299 18.52 -6.82 -4.91
N ASP A 300 17.77 -6.38 -5.93
CA ASP A 300 18.02 -5.12 -6.62
C ASP A 300 17.04 -4.03 -6.22
N VAL A 301 16.48 -4.11 -5.01
CA VAL A 301 15.62 -3.06 -4.45
C VAL A 301 16.42 -2.37 -3.35
N PRO A 302 17.02 -1.20 -3.62
CA PRO A 302 17.98 -0.65 -2.64
C PRO A 302 17.36 -0.17 -1.33
N ALA A 303 16.09 0.20 -1.31
CA ALA A 303 15.42 0.62 -0.08
C ALA A 303 14.35 -0.41 0.28
N SER A 304 14.64 -1.28 1.25
CA SER A 304 13.73 -2.36 1.60
C SER A 304 13.98 -2.87 3.01
N PHE A 305 12.94 -3.50 3.58
CA PHE A 305 12.96 -4.01 4.96
C PHE A 305 12.15 -5.30 4.93
N ALA A 306 12.83 -6.44 5.04
CA ALA A 306 12.20 -7.75 4.80
C ALA A 306 12.60 -8.77 5.87
N PRO A 307 11.87 -8.80 7.00
CA PRO A 307 12.24 -9.71 8.09
C PRO A 307 11.72 -11.12 7.88
N ALA A 308 12.48 -12.08 8.41
CA ALA A 308 12.15 -13.51 8.27
C ALA A 308 11.12 -13.91 9.33
N CYS A 309 9.86 -13.48 9.12
CA CYS A 309 8.76 -13.71 10.05
C CYS A 309 7.50 -14.13 9.31
N LEU A 310 6.66 -14.91 10.00
CA LEU A 310 5.32 -15.27 9.58
C LEU A 310 4.37 -14.27 10.25
N SER A 311 3.81 -13.35 9.47
CA SER A 311 3.01 -12.29 10.08
C SER A 311 2.03 -11.71 9.07
N HIS A 312 0.97 -11.11 9.60
CA HIS A 312 0.06 -10.22 8.88
C HIS A 312 0.10 -8.79 9.41
N GLU A 313 1.05 -8.46 10.30
CA GLU A 313 1.07 -7.16 10.97
C GLU A 313 1.61 -6.06 10.05
N ILE A 314 1.09 -4.83 10.24
CA ILE A 314 1.35 -3.73 9.32
C ILE A 314 1.84 -2.49 10.09
N ILE A 315 2.31 -1.48 9.32
CA ILE A 315 3.08 -0.34 9.84
C ILE A 315 2.24 0.71 10.55
N ILE A 316 0.91 0.55 10.60
CA ILE A 316 0.09 1.41 11.43
C ILE A 316 -0.19 0.78 12.80
N ARG A 317 0.50 -0.31 13.15
CA ARG A 317 0.33 -0.83 14.50
C ARG A 317 1.25 -0.08 15.47
N SER A 318 0.78 0.02 16.71
CA SER A 318 1.45 0.87 17.70
C SER A 318 2.87 0.39 18.00
N HIS A 319 3.12 -0.92 17.94
CA HIS A 319 4.44 -1.47 18.26
C HIS A 319 5.28 -1.74 17.03
N TRP A 320 5.05 -1.00 15.95
CA TRP A 320 5.81 -1.19 14.72
C TRP A 320 7.30 -0.94 14.91
N THR A 321 7.71 -0.27 15.98
CA THR A 321 9.12 0.04 16.22
C THR A 321 9.94 -1.16 16.70
N ASP A 322 9.31 -2.29 17.05
CA ASP A 322 9.99 -3.34 17.79
C ASP A 322 10.86 -4.23 16.90
N VAL A 323 10.44 -4.50 15.67
N VAL A 323 10.43 -4.49 15.66
CA VAL A 323 11.17 -5.45 14.84
CA VAL A 323 11.15 -5.42 14.79
C VAL A 323 12.44 -4.81 14.31
C VAL A 323 12.47 -4.79 14.32
N GLN A 324 13.52 -5.60 14.24
CA GLN A 324 14.81 -5.16 13.73
C GLN A 324 15.37 -6.19 12.76
N VAL A 325 16.04 -5.72 11.71
CA VAL A 325 16.83 -6.57 10.81
C VAL A 325 18.28 -6.12 10.93
N LYS A 326 19.16 -7.06 11.25
CA LYS A 326 20.58 -6.77 11.42
C LYS A 326 20.81 -5.64 12.43
N GLY A 327 19.95 -5.56 13.46
CA GLY A 327 20.07 -4.55 14.49
C GLY A 327 19.42 -3.20 14.19
N THR A 328 18.74 -3.05 13.06
CA THR A 328 18.18 -1.78 12.63
C THR A 328 16.66 -1.90 12.53
N SER A 329 15.93 -0.97 13.18
CA SER A 329 14.47 -0.97 13.14
C SER A 329 13.95 -0.31 11.86
N LEU A 330 12.65 -0.49 11.57
CA LEU A 330 12.07 0.15 10.40
C LEU A 330 12.04 1.67 10.50
N PRO A 331 11.64 2.30 11.62
CA PRO A 331 11.73 3.76 11.70
C PRO A 331 13.13 4.27 11.42
N ARG A 332 14.18 3.57 11.88
CA ARG A 332 15.54 4.00 11.57
C ARG A 332 15.82 3.88 10.07
N ALA A 333 15.48 2.73 9.47
CA ALA A 333 15.73 2.54 8.04
C ALA A 333 15.05 3.62 7.20
N LEU A 334 13.81 4.00 7.59
CA LEU A 334 13.11 5.05 6.87
C LEU A 334 13.81 6.40 7.00
N HIS A 335 14.32 6.72 8.20
CA HIS A 335 15.12 7.92 8.41
C HIS A 335 16.40 7.90 7.55
N CYS A 336 17.07 6.75 7.49
CA CYS A 336 18.26 6.66 6.63
C CYS A 336 17.90 6.87 5.16
N TRP A 337 16.74 6.36 4.73
CA TRP A 337 16.23 6.60 3.38
C TRP A 337 16.05 8.09 3.13
N ASP A 338 15.45 8.83 4.06
CA ASP A 338 15.33 10.29 3.93
C ASP A 338 16.70 10.93 3.70
N ARG A 339 17.69 10.55 4.51
CA ARG A 339 19.03 11.12 4.36
C ARG A 339 19.63 10.80 3.00
N SER A 340 19.39 9.58 2.49
CA SER A 340 19.95 9.18 1.21
C SER A 340 19.38 10.01 0.06
N LEU A 341 18.17 10.54 0.21
CA LEU A 341 17.52 11.33 -0.82
C LEU A 341 17.77 12.84 -0.69
N HIS A 342 18.65 13.27 0.20
CA HIS A 342 19.10 14.65 0.20
C HIS A 342 19.85 14.97 -1.10
N PRO A 351 26.48 5.10 0.04
CA PRO A 351 25.86 4.62 1.29
C PRO A 351 26.37 5.36 2.51
N LEU A 352 25.59 5.34 3.59
CA LEU A 352 25.84 6.13 4.78
C LEU A 352 26.41 5.25 5.89
N LYS A 353 27.45 5.75 6.56
CA LYS A 353 28.07 5.04 7.68
C LYS A 353 27.05 4.82 8.79
N GLY A 354 26.81 3.55 9.11
CA GLY A 354 25.91 3.18 10.20
C GLY A 354 24.44 3.49 10.01
N CYS A 355 24.01 3.85 8.80
CA CYS A 355 22.62 4.20 8.53
C CYS A 355 22.16 3.44 7.28
N PRO A 356 21.83 2.16 7.42
CA PRO A 356 21.50 1.35 6.24
C PRO A 356 20.06 1.49 5.77
N VAL A 357 19.86 1.23 4.47
CA VAL A 357 18.54 1.30 3.86
C VAL A 357 18.10 0.00 3.20
N HIS A 358 19.02 -0.95 2.95
CA HIS A 358 18.67 -2.25 2.39
C HIS A 358 18.84 -3.31 3.47
N LEU A 359 17.72 -3.86 3.96
CA LEU A 359 17.73 -4.74 5.15
C LEU A 359 16.83 -5.96 4.88
N VAL A 360 17.44 -7.06 4.42
CA VAL A 360 16.72 -8.29 4.06
C VAL A 360 17.34 -9.44 4.84
N ASP A 361 16.54 -10.15 5.63
CA ASP A 361 17.06 -11.29 6.38
C ASP A 361 17.52 -12.39 5.44
N SER A 362 18.58 -13.10 5.84
CA SER A 362 19.09 -14.25 5.08
C SER A 362 18.79 -15.60 5.73
N CYS A 363 18.33 -15.62 6.98
CA CYS A 363 18.02 -16.90 7.61
C CYS A 363 16.72 -17.47 7.04
N PRO A 364 16.57 -18.79 7.00
CA PRO A 364 15.61 -19.42 6.09
C PRO A 364 14.28 -19.94 6.67
N TRP A 365 13.94 -19.64 7.93
CA TRP A 365 12.70 -20.18 8.52
C TRP A 365 11.99 -19.12 9.38
N PRO A 366 10.65 -19.10 9.40
CA PRO A 366 9.93 -18.11 10.22
C PRO A 366 10.44 -18.06 11.66
N HIS A 367 10.67 -16.83 12.14
CA HIS A 367 11.10 -16.53 13.51
C HIS A 367 12.55 -16.88 13.78
N CYS A 368 13.34 -17.13 12.73
CA CYS A 368 14.78 -17.19 12.88
C CYS A 368 15.36 -15.82 13.22
N ASN A 369 14.59 -14.75 12.99
CA ASN A 369 14.88 -13.42 13.53
C ASN A 369 14.23 -13.32 14.90
N PRO A 370 14.98 -13.06 15.98
CA PRO A 370 14.37 -13.08 17.32
C PRO A 370 13.36 -11.97 17.56
N SER A 371 13.37 -10.89 16.78
CA SER A 371 12.50 -9.74 17.00
C SER A 371 11.15 -9.85 16.31
N CYS A 372 10.84 -10.99 15.70
CA CYS A 372 9.56 -11.15 15.01
C CYS A 372 8.40 -10.92 15.99
N PRO A 373 7.27 -10.39 15.49
CA PRO A 373 6.13 -10.14 16.37
C PRO A 373 5.56 -11.44 16.92
N THR A 374 4.92 -11.33 18.08
CA THR A 374 4.14 -12.44 18.61
C THR A 374 2.67 -12.02 18.75
S SO4 B . -19.68 -3.22 8.43
O1 SO4 B . -18.44 -2.70 7.84
O2 SO4 B . -20.64 -2.13 8.54
O3 SO4 B . -20.20 -4.30 7.59
O4 SO4 B . -19.38 -3.75 9.76
C1 NAG C . -15.29 15.42 -10.35
C2 NAG C . -15.05 16.51 -11.40
C3 NAG C . -15.37 15.98 -12.79
C4 NAG C . -14.63 14.67 -13.06
C5 NAG C . -14.89 13.68 -11.94
C6 NAG C . -14.10 12.40 -12.08
C7 NAG C . -15.28 18.92 -10.98
C8 NAG C . -16.23 20.03 -10.69
N2 NAG C . -15.82 17.69 -11.11
O3 NAG C . -14.98 16.97 -13.73
O4 NAG C . -15.07 14.12 -14.30
O5 NAG C . -14.54 14.26 -10.69
O6 NAG C . -12.71 12.63 -11.91
O7 NAG C . -14.07 19.11 -11.10
S DMS D . 9.86 14.15 12.51
O DMS D . 8.49 14.49 12.01
C1 DMS D . 10.49 15.51 13.52
C2 DMS D . 10.98 14.22 11.09
S SO4 E . -22.99 -5.87 -12.17
O1 SO4 E . -22.25 -5.54 -10.96
O2 SO4 E . -23.32 -4.65 -12.89
O3 SO4 E . -22.20 -6.76 -13.01
O4 SO4 E . -24.24 -6.56 -11.81
S SO4 F . 10.53 -35.34 7.45
O1 SO4 F . 10.12 -34.00 7.82
O2 SO4 F . 11.86 -35.25 6.85
O3 SO4 F . 10.61 -36.22 8.63
O4 SO4 F . 9.58 -35.88 6.50
N1 NW7 G . -4.59 -6.96 -2.33
N3 NW7 G . -0.85 -13.10 -2.42
C4 NW7 G . -4.17 -8.74 -1.10
C5 NW7 G . -4.02 -9.63 0.14
C6 NW7 G . -3.90 -9.05 -2.43
C7 NW7 G . -3.39 -10.35 -3.05
C8 NW7 G . -1.65 -12.26 -3.05
C10 NW7 G . -1.00 -13.85 -4.49
C1 NW7 G . -2.59 -7.82 -5.15
C11 NW7 G . -0.80 -14.72 -5.73
C2 NW7 G . -4.04 -7.74 -4.69
C3 NW7 G . -4.19 -7.90 -3.16
C9 NW7 G . -1.74 -12.69 -4.38
N2 NW7 G . -2.24 -11.05 -2.48
O1 NW7 G . -4.59 -7.46 -1.06
O2 NW7 G . -3.92 -10.79 -4.02
O3 NW7 G . -0.44 -14.06 -3.29
#